data_6NF9
#
_entry.id   6NF9
#
_cell.length_a   1
_cell.length_b   1
_cell.length_c   1
_cell.angle_alpha   90.00
_cell.angle_beta   90.00
_cell.angle_gamma   90.00
#
_symmetry.space_group_name_H-M   'P 1'
#
_entity_poly.entity_id   1
_entity_poly.type   'polypeptide(L)'
_entity_poly.pdbx_seq_one_letter_code
;MSHDAQPNEQPNTGIELATGGNGSGSSGGGGRGAGGVGVSTGSFNNQTEFHYLGDGLVQITAHASRLVHLNMPEHESYRR
INVLNSEAGVAGQMVQDDAHSQMVTPWSLVDANAWGVWFNPGDWQLITNNMTELNLVSFEQEIFNVVLKTITESATTPPT
KIYNNDLTASLMVALDTNNTLPYTPAAPRSETLGFYPWLPTKPTHYRYYMTCTRNLTPPTHTGQAGTITNTISAPTHSDV
MFYTIENAVPIHLLRTGDEFSTGTYYFDTKPLKMTHSWQTNRSLGLPPKLATEPTTEGQQHTGTLKAATDREGIHQTINN
SYTEATALRPAQVGYNTPYMNFEYSDGGPFLTPIVPVYDTQYNADEPNGAYRITMGYQHGQITTATELGRYTLNPISKGG
RAPNQEFNQSSPLQMENTLNGTLLPTDPIGGKTDIHFTNTLNTYGPLTALNNTPPIYPNGQIWDKELDADLKPRLHVTAP
FVCKNNPPGQLFVKIAPNLTDDFNADSPQQPRIITYSNFWWKGTLTFTARMRSSNMWNPIHQHTTTNDNIVNYMPSNIGG
MRLYPEIPQLIPRKLY
;
_entity_poly.pdbx_strand_id   A
#
# COMPACT_ATOMS: atom_id res chain seq x y z
N GLY A 36 8.43 40.24 -9.06
CA GLY A 36 7.16 40.85 -8.75
C GLY A 36 6.17 39.90 -8.10
N VAL A 37 5.46 40.39 -7.08
CA VAL A 37 4.50 39.57 -6.36
C VAL A 37 3.20 39.38 -7.15
N GLY A 38 2.69 40.42 -7.79
CA GLY A 38 1.37 40.37 -8.38
C GLY A 38 1.29 39.73 -9.76
N VAL A 39 2.22 38.82 -10.07
CA VAL A 39 2.18 38.07 -11.32
C VAL A 39 2.06 36.59 -10.96
N SER A 40 1.09 35.92 -11.56
CA SER A 40 0.91 34.50 -11.33
C SER A 40 2.07 33.72 -11.94
N THR A 41 2.33 32.54 -11.40
CA THR A 41 3.51 31.77 -11.74
C THR A 41 3.22 30.40 -12.34
N GLY A 42 2.02 29.88 -12.19
CA GLY A 42 1.71 28.56 -12.71
C GLY A 42 0.26 28.43 -13.09
N SER A 43 -0.10 27.22 -13.49
CA SER A 43 -1.44 26.89 -13.96
C SER A 43 -1.95 25.69 -13.19
N PHE A 44 -3.06 25.87 -12.49
CA PHE A 44 -3.80 24.75 -11.92
C PHE A 44 -4.23 23.82 -13.05
N ASN A 45 -4.05 22.51 -12.87
CA ASN A 45 -4.33 21.59 -13.96
C ASN A 45 -4.63 20.23 -13.38
N ASN A 46 -5.72 19.61 -13.80
CA ASN A 46 -6.07 18.32 -13.23
C ASN A 46 -6.69 17.35 -14.24
N GLN A 47 -6.52 17.55 -15.55
CA GLN A 47 -7.15 16.65 -16.50
C GLN A 47 -6.23 15.49 -16.84
N THR A 48 -6.82 14.30 -16.90
CA THR A 48 -6.09 13.07 -17.19
C THR A 48 -6.26 12.79 -18.68
N GLU A 49 -5.28 13.23 -19.48
CA GLU A 49 -5.35 13.10 -20.93
C GLU A 49 -5.03 11.66 -21.33
N PHE A 50 -6.03 10.96 -21.87
CA PHE A 50 -5.80 9.65 -22.46
C PHE A 50 -5.44 9.86 -23.92
N HIS A 51 -4.16 10.00 -24.20
CA HIS A 51 -3.69 10.31 -25.55
C HIS A 51 -3.43 8.99 -26.24
N TYR A 52 -4.39 8.55 -27.06
CA TYR A 52 -4.34 7.25 -27.72
C TYR A 52 -3.27 7.28 -28.80
N LEU A 53 -2.16 6.58 -28.56
CA LEU A 53 -1.15 6.39 -29.58
C LEU A 53 -1.55 5.23 -30.50
N GLY A 54 -0.63 4.86 -31.38
CA GLY A 54 -0.90 3.80 -32.33
C GLY A 54 -0.90 2.42 -31.68
N ASP A 55 -1.16 1.43 -32.53
CA ASP A 55 -1.12 0.02 -32.17
C ASP A 55 -1.69 -0.36 -30.81
N GLY A 56 -2.52 0.49 -30.26
CA GLY A 56 -3.11 0.20 -28.97
C GLY A 56 -2.47 0.95 -27.84
N LEU A 57 -1.14 1.07 -27.84
CA LEU A 57 -0.53 1.80 -26.74
C LEU A 57 -1.27 3.11 -26.50
N VAL A 58 -1.42 3.47 -25.23
CA VAL A 58 -1.90 4.79 -24.86
C VAL A 58 -0.82 5.45 -24.02
N GLN A 59 -1.01 6.74 -23.75
CA GLN A 59 -0.08 7.49 -22.89
C GLN A 59 -0.94 8.27 -21.91
N ILE A 60 -1.25 7.66 -20.78
CA ILE A 60 -2.11 8.28 -19.78
C ILE A 60 -1.31 9.36 -19.08
N THR A 61 -1.50 10.60 -19.48
CA THR A 61 -0.88 11.74 -18.82
C THR A 61 -1.82 12.23 -17.73
N ALA A 62 -1.49 11.93 -16.49
CA ALA A 62 -2.36 12.25 -15.35
C ALA A 62 -1.77 13.46 -14.64
N HIS A 63 -2.53 14.54 -14.59
CA HIS A 63 -2.13 15.71 -13.83
C HIS A 63 -2.82 15.69 -12.48
N ALA A 64 -2.28 16.47 -11.55
CA ALA A 64 -2.89 16.65 -10.24
C ALA A 64 -2.44 17.99 -9.69
N SER A 65 -3.37 18.69 -9.05
CA SER A 65 -3.06 19.99 -8.49
C SER A 65 -3.94 20.23 -7.27
N ARG A 66 -3.32 20.47 -6.12
CA ARG A 66 -4.05 20.67 -4.88
C ARG A 66 -3.43 21.81 -4.10
N LEU A 67 -4.27 22.59 -3.43
CA LEU A 67 -3.79 23.59 -2.50
C LEU A 67 -3.28 22.87 -1.26
N VAL A 68 -2.04 23.13 -0.88
CA VAL A 68 -1.40 22.38 0.19
C VAL A 68 -1.19 23.33 1.36
N HIS A 69 -2.08 23.29 2.35
CA HIS A 69 -2.04 24.20 3.48
C HIS A 69 -0.98 23.76 4.47
N LEU A 70 0.14 24.47 4.50
CA LEU A 70 1.24 24.18 5.40
C LEU A 70 1.15 25.08 6.62
N ASN A 71 1.14 24.45 7.80
CA ASN A 71 1.27 25.19 9.05
C ASN A 71 2.74 25.23 9.44
N MET A 72 3.10 26.15 10.32
CA MET A 72 4.48 26.25 10.75
C MET A 72 4.81 25.08 11.67
N PRO A 73 6.10 24.72 11.77
CA PRO A 73 6.47 23.69 12.75
C PRO A 73 6.31 24.20 14.17
N GLU A 74 5.77 23.33 15.03
CA GLU A 74 5.60 23.67 16.43
C GLU A 74 6.92 23.81 17.18
N HIS A 75 7.95 23.12 16.73
CA HIS A 75 9.31 23.30 17.24
C HIS A 75 10.26 23.11 16.08
N GLU A 76 11.36 23.85 16.08
CA GLU A 76 12.34 23.69 15.01
C GLU A 76 13.48 22.76 15.41
N SER A 77 13.51 22.31 16.65
CA SER A 77 14.55 21.40 17.09
C SER A 77 14.23 19.96 16.71
N TYR A 78 15.25 19.25 16.24
CA TYR A 78 15.14 17.83 15.96
C TYR A 78 15.02 17.03 17.25
N ARG A 79 14.11 16.06 17.28
CA ARG A 79 13.82 15.30 18.49
C ARG A 79 13.81 13.81 18.21
N ARG A 80 14.61 13.05 18.95
CA ARG A 80 14.57 11.60 18.92
C ARG A 80 13.66 11.14 20.05
N ILE A 81 12.43 10.80 19.71
CA ILE A 81 11.42 10.43 20.69
C ILE A 81 11.36 8.91 20.71
N ASN A 82 11.80 8.31 21.82
CA ASN A 82 11.53 6.90 22.05
C ASN A 82 10.06 6.73 22.40
N VAL A 83 9.41 5.73 21.83
CA VAL A 83 8.01 5.45 22.07
C VAL A 83 7.92 4.12 22.80
N LEU A 84 7.17 4.09 23.90
CA LEU A 84 6.79 2.85 24.56
C LEU A 84 5.29 2.84 24.79
N ASN A 85 4.83 1.73 25.34
CA ASN A 85 3.44 1.57 25.74
C ASN A 85 3.36 0.64 26.93
N SER A 86 2.41 0.93 27.83
CA SER A 86 2.14 0.04 28.96
C SER A 86 1.19 -1.09 28.59
N GLU A 87 0.70 -1.11 27.35
CA GLU A 87 -0.27 -2.12 26.93
C GLU A 87 0.36 -3.48 26.72
N ALA A 88 1.57 -3.53 26.17
CA ALA A 88 2.26 -4.79 26.00
C ALA A 88 3.02 -5.22 27.26
N GLY A 89 3.15 -4.32 28.25
CA GLY A 89 3.86 -4.66 29.46
C GLY A 89 3.08 -5.58 30.38
N VAL A 90 1.78 -5.68 30.18
CA VAL A 90 0.97 -6.70 30.83
C VAL A 90 0.87 -7.88 29.87
N ALA A 91 0.72 -9.09 30.42
CA ALA A 91 0.93 -10.31 29.65
C ALA A 91 -0.25 -10.60 28.73
N GLY A 92 0.07 -10.91 27.46
CA GLY A 92 -0.92 -11.38 26.51
C GLY A 92 -1.30 -10.41 25.42
N GLN A 93 -0.87 -9.16 25.50
CA GLN A 93 -1.24 -8.13 24.53
C GLN A 93 -0.08 -7.85 23.60
N MET A 94 0.68 -8.89 23.26
CA MET A 94 1.97 -8.69 22.60
C MET A 94 1.84 -8.47 21.11
N VAL A 95 0.65 -8.59 20.54
CA VAL A 95 0.41 -8.03 19.22
C VAL A 95 0.35 -6.51 19.31
N GLN A 96 -0.29 -5.98 20.37
CA GLN A 96 -0.39 -4.55 20.59
C GLN A 96 0.97 -4.00 20.97
N ASP A 97 1.80 -3.75 19.97
CA ASP A 97 3.21 -3.45 20.21
C ASP A 97 3.56 -2.18 19.44
N ASP A 98 3.27 -1.03 20.04
CA ASP A 98 3.43 0.26 19.39
C ASP A 98 4.79 0.87 19.65
N ALA A 99 5.66 0.17 20.36
CA ALA A 99 6.90 0.77 20.83
C ALA A 99 7.97 0.75 19.75
N HIS A 100 8.54 1.92 19.49
CA HIS A 100 9.63 2.07 18.54
C HIS A 100 10.41 3.31 18.94
N SER A 101 11.41 3.66 18.15
CA SER A 101 12.18 4.88 18.36
C SER A 101 12.07 5.75 17.13
N GLN A 102 11.52 6.94 17.32
CA GLN A 102 11.06 7.79 16.23
C GLN A 102 11.93 9.04 16.18
N MET A 103 12.25 9.49 14.97
CA MET A 103 13.02 10.70 14.76
C MET A 103 12.10 11.76 14.16
N VAL A 104 11.59 12.65 15.00
CA VAL A 104 10.63 13.65 14.58
C VAL A 104 11.38 14.87 14.07
N THR A 105 11.23 15.16 12.80
CA THR A 105 11.84 16.34 12.19
C THR A 105 10.78 17.41 11.96
N PRO A 106 11.15 18.70 11.95
CA PRO A 106 10.14 19.74 11.72
C PRO A 106 9.73 19.89 10.26
N TRP A 107 10.36 19.18 9.34
CA TRP A 107 10.07 19.33 7.94
C TRP A 107 8.79 18.58 7.57
N SER A 108 8.01 19.14 6.66
CA SER A 108 6.79 18.49 6.21
C SER A 108 6.97 17.97 4.79
N LEU A 109 6.36 16.84 4.52
CA LEU A 109 6.58 16.11 3.27
C LEU A 109 5.34 16.18 2.40
N VAL A 110 5.52 16.62 1.16
CA VAL A 110 4.46 16.65 0.17
C VAL A 110 4.58 15.38 -0.66
N ASP A 111 3.56 14.54 -0.61
CA ASP A 111 3.64 13.18 -1.15
C ASP A 111 2.67 13.01 -2.30
N ALA A 112 3.17 12.46 -3.40
CA ALA A 112 2.34 12.11 -4.55
C ALA A 112 2.07 10.62 -4.63
N ASN A 113 2.75 9.81 -3.81
CA ASN A 113 2.78 8.37 -3.98
C ASN A 113 1.49 7.75 -3.43
N ALA A 114 0.40 8.03 -4.12
CA ALA A 114 -0.89 7.42 -3.85
C ALA A 114 -1.72 7.52 -5.12
N TRP A 115 -2.60 6.54 -5.31
CA TRP A 115 -3.26 6.38 -6.61
C TRP A 115 -4.35 7.41 -6.85
N GLY A 116 -5.14 7.73 -5.83
CA GLY A 116 -6.31 8.58 -6.06
C GLY A 116 -6.00 10.04 -6.25
N VAL A 117 -4.74 10.44 -6.03
CA VAL A 117 -4.34 11.80 -6.34
C VAL A 117 -4.45 12.05 -7.83
N TRP A 118 -4.10 11.05 -8.63
CA TRP A 118 -4.00 11.24 -10.07
C TRP A 118 -5.26 10.81 -10.80
N PHE A 119 -6.10 9.98 -10.19
CA PHE A 119 -7.21 9.32 -10.87
C PHE A 119 -8.51 9.53 -10.11
N ASN A 120 -9.41 10.31 -10.67
CA ASN A 120 -10.80 10.27 -10.27
C ASN A 120 -11.42 8.94 -10.72
N PRO A 121 -12.53 8.50 -10.10
CA PRO A 121 -13.11 7.20 -10.47
C PRO A 121 -13.62 7.12 -11.89
N GLY A 122 -13.89 8.24 -12.55
CA GLY A 122 -14.28 8.20 -13.95
C GLY A 122 -13.13 7.79 -14.85
N ASP A 123 -11.90 8.14 -14.48
CA ASP A 123 -10.74 7.75 -15.26
C ASP A 123 -10.10 6.47 -14.76
N TRP A 124 -10.35 6.06 -13.52
CA TRP A 124 -9.86 4.74 -13.14
C TRP A 124 -10.85 3.66 -13.55
N GLN A 125 -12.10 4.01 -13.86
CA GLN A 125 -12.98 3.03 -14.48
C GLN A 125 -12.50 2.70 -15.89
N LEU A 126 -11.91 3.69 -16.57
CA LEU A 126 -11.45 3.52 -17.93
C LEU A 126 -10.25 2.60 -18.04
N ILE A 127 -9.50 2.41 -16.95
CA ILE A 127 -8.26 1.67 -17.02
C ILE A 127 -8.47 0.26 -16.49
N THR A 128 -9.35 0.10 -15.50
CA THR A 128 -9.77 -1.24 -15.11
C THR A 128 -10.67 -1.91 -16.13
N ASN A 129 -11.21 -1.18 -17.09
CA ASN A 129 -12.04 -1.82 -18.09
C ASN A 129 -11.27 -2.20 -19.33
N ASN A 130 -10.14 -1.55 -19.61
CA ASN A 130 -9.62 -1.54 -20.96
C ASN A 130 -8.11 -1.77 -21.08
N MET A 131 -7.37 -1.75 -19.98
CA MET A 131 -5.92 -1.81 -20.05
C MET A 131 -5.41 -3.10 -19.45
N THR A 132 -4.60 -3.82 -20.22
CA THR A 132 -3.92 -5.01 -19.74
C THR A 132 -2.68 -4.67 -18.91
N GLU A 133 -1.75 -3.92 -19.49
CA GLU A 133 -0.54 -3.57 -18.80
C GLU A 133 -0.51 -2.07 -18.51
N LEU A 134 0.27 -1.70 -17.51
CA LEU A 134 0.58 -0.30 -17.22
C LEU A 134 2.08 -0.16 -17.04
N ASN A 135 2.74 0.45 -18.02
CA ASN A 135 4.09 0.90 -17.78
C ASN A 135 4.04 2.25 -17.08
N LEU A 136 5.17 2.71 -16.58
CA LEU A 136 5.23 3.98 -15.87
C LEU A 136 6.43 4.74 -16.39
N VAL A 137 6.23 6.01 -16.77
CA VAL A 137 7.25 6.70 -17.54
C VAL A 137 7.81 7.91 -16.84
N SER A 138 6.98 8.92 -16.59
CA SER A 138 7.49 10.23 -16.21
C SER A 138 6.84 10.70 -14.93
N PHE A 139 7.47 11.70 -14.32
CA PHE A 139 6.98 12.31 -13.09
C PHE A 139 7.66 13.65 -12.85
N GLU A 140 6.86 14.70 -12.63
CA GLU A 140 7.42 16.00 -12.29
C GLU A 140 6.53 16.66 -11.25
N GLN A 141 7.15 17.35 -10.31
CA GLN A 141 6.44 18.10 -9.29
C GLN A 141 6.70 19.58 -9.50
N GLU A 142 5.83 20.41 -8.94
CA GLU A 142 5.97 21.86 -9.07
C GLU A 142 5.22 22.53 -7.94
N ILE A 143 5.93 23.28 -7.12
CA ILE A 143 5.31 24.17 -6.14
C ILE A 143 5.32 25.57 -6.73
N PHE A 144 4.15 26.19 -6.77
CA PHE A 144 4.00 27.52 -7.34
C PHE A 144 2.93 28.24 -6.53
N ASN A 145 2.95 29.58 -6.62
CA ASN A 145 1.90 30.47 -6.11
C ASN A 145 1.74 30.29 -4.60
N VAL A 146 2.85 30.41 -3.89
CA VAL A 146 2.82 30.31 -2.44
C VAL A 146 2.24 31.59 -1.87
N VAL A 147 1.47 31.46 -0.79
CA VAL A 147 0.88 32.59 -0.10
C VAL A 147 1.26 32.47 1.36
N LEU A 148 2.19 33.32 1.80
CA LEU A 148 2.62 33.34 3.19
C LEU A 148 1.86 34.43 3.93
N LYS A 149 1.33 34.09 5.09
CA LYS A 149 0.54 35.04 5.87
C LYS A 149 0.94 34.97 7.34
N THR A 150 0.87 36.13 7.98
CA THR A 150 1.09 36.28 9.41
C THR A 150 -0.24 36.47 10.11
N ILE A 151 -0.49 35.65 11.10
CA ILE A 151 -1.67 35.77 11.96
C ILE A 151 -1.27 36.62 13.17
N THR A 152 -2.18 37.49 13.61
CA THR A 152 -1.89 38.44 14.68
C THR A 152 -3.12 38.58 15.57
N GLU A 153 -2.92 38.38 16.87
CA GLU A 153 -4.00 38.43 17.86
C GLU A 153 -4.13 39.83 18.43
N SER A 154 -5.36 40.32 18.49
CA SER A 154 -5.69 41.56 19.19
C SER A 154 -6.48 41.24 20.45
N ALA A 155 -6.28 42.06 21.48
CA ALA A 155 -6.85 41.77 22.80
C ALA A 155 -8.16 42.53 22.98
N THR A 156 -9.18 42.06 22.28
CA THR A 156 -10.55 42.50 22.50
C THR A 156 -11.34 41.34 23.12
N THR A 157 -12.63 41.57 23.36
CA THR A 157 -13.43 40.63 24.15
C THR A 157 -13.71 39.28 23.47
N PRO A 158 -13.78 39.15 22.14
CA PRO A 158 -13.56 37.83 21.54
C PRO A 158 -12.11 37.68 21.12
N PRO A 159 -11.63 36.45 20.91
CA PRO A 159 -10.32 36.29 20.28
C PRO A 159 -10.37 36.63 18.79
N THR A 160 -9.83 37.80 18.45
CA THR A 160 -9.87 38.31 17.07
C THR A 160 -8.48 38.20 16.46
N LYS A 161 -8.40 37.58 15.29
CA LYS A 161 -7.14 37.26 14.64
C LYS A 161 -7.07 37.98 13.31
N ILE A 162 -6.00 38.73 13.08
CA ILE A 162 -5.84 39.57 11.90
C ILE A 162 -4.75 38.97 11.03
N TYR A 163 -5.08 38.73 9.76
CA TYR A 163 -4.19 38.02 8.84
C TYR A 163 -3.45 39.03 7.97
N ASN A 164 -2.32 39.52 8.48
CA ASN A 164 -1.45 40.40 7.72
C ASN A 164 -0.67 39.58 6.71
N ASN A 165 -0.37 40.18 5.57
CA ASN A 165 0.28 39.47 4.48
C ASN A 165 1.78 39.67 4.54
N ASP A 166 2.54 38.59 4.43
CA ASP A 166 3.99 38.66 4.41
C ASP A 166 4.49 38.72 2.98
N LEU A 167 5.03 39.87 2.60
CA LEU A 167 5.64 40.04 1.29
C LEU A 167 7.09 39.64 1.26
N THR A 168 7.71 39.49 2.43
CA THR A 168 9.16 39.31 2.53
C THR A 168 9.57 37.96 3.09
N ALA A 169 8.66 37.23 3.74
CA ALA A 169 9.02 35.96 4.34
C ALA A 169 9.21 34.89 3.26
N SER A 170 9.71 33.74 3.68
CA SER A 170 10.07 32.68 2.75
C SER A 170 9.69 31.33 3.35
N LEU A 171 9.68 30.30 2.50
CA LEU A 171 9.51 28.93 2.96
C LEU A 171 10.56 28.07 2.26
N MET A 172 11.01 27.04 2.97
CA MET A 172 12.14 26.24 2.53
C MET A 172 11.64 24.97 1.86
N VAL A 173 12.01 24.79 0.59
CA VAL A 173 11.68 23.59 -0.14
C VAL A 173 12.97 22.81 -0.36
N ALA A 174 12.86 21.49 -0.47
CA ALA A 174 14.06 20.65 -0.58
C ALA A 174 13.70 19.41 -1.37
N LEU A 175 14.08 19.38 -2.63
CA LEU A 175 13.82 18.23 -3.50
C LEU A 175 15.02 17.30 -3.37
N ASP A 176 14.83 16.19 -2.65
CA ASP A 176 15.88 15.20 -2.45
C ASP A 176 16.05 14.41 -3.73
N THR A 177 16.82 14.97 -4.66
CA THR A 177 16.96 14.37 -5.99
C THR A 177 17.83 13.13 -6.02
N ASN A 178 18.48 12.78 -4.91
CA ASN A 178 19.30 11.58 -4.84
C ASN A 178 18.76 10.56 -3.85
N ASN A 179 17.65 10.87 -3.17
CA ASN A 179 17.12 10.10 -2.04
C ASN A 179 18.20 9.84 -0.99
N THR A 180 18.87 10.92 -0.59
CA THR A 180 19.82 10.85 0.50
C THR A 180 19.13 10.54 1.82
N LEU A 181 17.90 11.02 1.98
CA LEU A 181 17.13 10.81 3.20
C LEU A 181 16.40 9.47 3.13
N PRO A 182 15.97 8.93 4.28
CA PRO A 182 15.18 7.70 4.25
C PRO A 182 13.84 7.90 3.57
N TYR A 183 13.56 7.05 2.58
CA TYR A 183 12.36 7.17 1.78
C TYR A 183 11.17 6.66 2.58
N THR A 184 10.33 7.58 3.05
CA THR A 184 9.16 7.23 3.85
C THR A 184 7.90 7.58 3.07
N PRO A 185 7.25 6.63 2.41
CA PRO A 185 6.00 6.93 1.71
C PRO A 185 4.84 7.01 2.70
N ALA A 186 3.95 7.96 2.48
CA ALA A 186 2.85 8.19 3.41
C ALA A 186 1.59 7.43 3.04
N ALA A 187 1.63 6.62 1.99
CA ALA A 187 0.48 5.80 1.61
C ALA A 187 0.14 4.66 2.57
N PRO A 188 1.09 3.88 3.16
CA PRO A 188 0.66 2.88 4.14
C PRO A 188 0.20 3.45 5.46
N ARG A 189 0.37 4.75 5.69
CA ARG A 189 -0.23 5.39 6.86
C ARG A 189 -1.43 6.25 6.50
N SER A 190 -1.82 6.27 5.22
CA SER A 190 -2.88 7.13 4.68
C SER A 190 -2.66 8.59 5.02
N GLU A 191 -1.43 9.05 4.84
CA GLU A 191 -1.05 10.41 5.17
C GLU A 191 -0.60 11.18 3.93
N THR A 192 -1.20 10.87 2.79
CA THR A 192 -0.83 11.52 1.55
C THR A 192 -1.67 12.80 1.43
N LEU A 193 -1.53 13.51 0.30
CA LEU A 193 -2.46 14.56 -0.05
C LEU A 193 -3.84 13.95 -0.28
N GLY A 194 -4.87 14.72 0.06
CA GLY A 194 -6.23 14.25 -0.10
C GLY A 194 -6.63 14.15 -1.56
N PHE A 195 -7.44 13.14 -1.86
CA PHE A 195 -7.73 12.79 -3.25
C PHE A 195 -8.84 13.64 -3.85
N TYR A 196 -9.19 14.76 -3.23
CA TYR A 196 -10.17 15.60 -3.89
C TYR A 196 -9.51 16.87 -4.41
N PRO A 197 -9.90 17.33 -5.59
CA PRO A 197 -9.27 18.54 -6.14
C PRO A 197 -9.65 19.81 -5.39
N TRP A 198 -10.92 19.98 -5.07
CA TRP A 198 -11.38 21.23 -4.49
C TRP A 198 -11.04 21.34 -3.01
N LEU A 199 -11.02 20.23 -2.29
CA LEU A 199 -10.72 20.28 -0.88
C LEU A 199 -9.23 20.53 -0.67
N PRO A 200 -8.85 21.53 0.14
CA PRO A 200 -7.43 21.77 0.39
C PRO A 200 -6.85 20.72 1.32
N THR A 201 -5.65 20.28 1.00
CA THR A 201 -5.02 19.15 1.66
C THR A 201 -4.07 19.64 2.75
N LYS A 202 -3.37 18.70 3.37
CA LYS A 202 -2.35 19.01 4.36
C LYS A 202 -1.15 18.12 4.10
N PRO A 203 0.07 18.66 4.23
CA PRO A 203 1.25 17.81 4.18
C PRO A 203 1.57 17.32 5.58
N THR A 204 2.20 16.15 5.65
CA THR A 204 2.46 15.54 6.94
C THR A 204 3.92 15.68 7.32
N HIS A 205 4.15 15.65 8.63
CA HIS A 205 5.48 15.88 9.19
C HIS A 205 6.39 14.73 8.81
N TYR A 206 7.57 15.06 8.32
CA TYR A 206 8.54 14.03 7.96
C TYR A 206 9.16 13.47 9.23
N ARG A 207 9.11 12.16 9.38
CA ARG A 207 9.76 11.49 10.48
C ARG A 207 10.15 10.11 10.02
N TYR A 208 11.16 9.53 10.66
CA TYR A 208 11.71 8.27 10.22
C TYR A 208 12.18 7.47 11.41
N TYR A 209 12.29 6.17 11.22
CA TYR A 209 12.64 5.29 12.33
C TYR A 209 14.10 5.43 12.67
N MET A 210 14.39 5.59 13.95
CA MET A 210 15.74 5.48 14.46
C MET A 210 15.90 4.05 14.99
N THR A 211 17.12 3.68 15.37
CA THR A 211 17.39 2.34 15.86
C THR A 211 16.73 2.10 17.21
N CYS A 212 16.02 0.99 17.31
CA CYS A 212 15.44 0.52 18.55
C CYS A 212 15.94 -0.88 18.82
N THR A 213 16.23 -1.15 20.09
CA THR A 213 16.72 -2.46 20.55
C THR A 213 15.69 -2.97 21.54
N ARG A 214 14.72 -3.72 21.05
CA ARG A 214 13.50 -3.99 21.79
C ARG A 214 13.64 -5.20 22.71
N ASN A 215 13.21 -5.04 23.94
CA ASN A 215 13.15 -6.13 24.92
C ASN A 215 11.70 -6.35 25.31
N LEU A 216 11.17 -7.51 24.92
CA LEU A 216 9.78 -7.86 25.16
C LEU A 216 9.58 -9.26 25.73
N THR A 217 10.60 -10.10 25.65
CA THR A 217 10.50 -11.45 26.19
C THR A 217 10.46 -11.45 27.70
N PRO A 218 9.86 -12.48 28.31
CA PRO A 218 9.28 -13.63 27.60
C PRO A 218 7.95 -13.38 26.91
N PRO A 219 7.77 -13.99 25.74
CA PRO A 219 6.45 -14.03 25.11
C PRO A 219 5.55 -15.01 25.85
N THR A 220 4.35 -14.54 26.21
CA THR A 220 3.48 -15.32 27.10
C THR A 220 2.11 -15.50 26.47
N HIS A 221 1.28 -16.26 27.19
CA HIS A 221 -0.16 -16.33 26.93
C HIS A 221 -0.83 -15.12 27.58
N THR A 222 -2.16 -15.14 27.66
CA THR A 222 -2.87 -14.07 28.32
C THR A 222 -3.21 -14.42 29.76
N GLY A 223 -3.61 -15.67 29.99
CA GLY A 223 -4.12 -16.11 31.28
C GLY A 223 -3.13 -16.07 32.43
N GLN A 224 -1.95 -16.66 32.27
CA GLN A 224 -1.00 -16.64 33.36
C GLN A 224 -0.31 -15.28 33.43
N ALA A 225 0.31 -15.01 34.58
CA ALA A 225 1.10 -13.82 34.78
C ALA A 225 2.58 -14.18 34.74
N GLY A 226 3.37 -13.32 34.11
CA GLY A 226 4.80 -13.54 34.02
C GLY A 226 5.56 -12.28 34.39
N THR A 227 6.84 -12.48 34.66
CA THR A 227 7.74 -11.36 34.98
C THR A 227 8.40 -10.83 33.71
N ILE A 228 7.55 -10.31 32.81
CA ILE A 228 8.06 -9.86 31.52
C ILE A 228 8.68 -8.47 31.66
N THR A 229 9.65 -8.20 30.80
CA THR A 229 10.37 -6.93 30.78
C THR A 229 10.01 -6.20 29.50
N ASN A 230 9.36 -5.04 29.64
CA ASN A 230 8.97 -4.22 28.50
C ASN A 230 9.72 -2.90 28.62
N THR A 231 10.95 -2.90 28.12
CA THR A 231 11.75 -1.68 28.03
C THR A 231 12.39 -1.62 26.66
N ILE A 232 12.52 -0.42 26.13
CA ILE A 232 13.39 -0.16 25.00
C ILE A 232 14.77 0.18 25.56
N SER A 233 15.80 -0.46 25.02
CA SER A 233 17.12 -0.31 25.60
C SER A 233 17.85 0.87 24.97
N ALA A 234 19.10 1.07 25.39
CA ALA A 234 19.92 2.12 24.81
C ALA A 234 20.28 1.74 23.37
N PRO A 235 20.27 2.70 22.45
CA PRO A 235 20.55 2.36 21.05
C PRO A 235 22.01 2.02 20.85
N THR A 236 22.25 1.00 20.04
CA THR A 236 23.61 0.52 19.81
C THR A 236 24.39 1.54 18.99
N HIS A 237 25.71 1.53 19.17
CA HIS A 237 26.57 2.55 18.61
C HIS A 237 26.77 2.40 17.10
N SER A 238 26.67 1.19 16.58
CA SER A 238 27.15 0.93 15.23
C SER A 238 26.13 1.30 14.16
N ASP A 239 24.90 1.63 14.55
CA ASP A 239 23.84 1.75 13.56
C ASP A 239 22.98 3.01 13.68
N VAL A 240 23.19 3.85 14.69
CA VAL A 240 22.36 5.04 14.89
C VAL A 240 22.60 6.00 13.72
N MET A 241 21.53 6.30 13.00
CA MET A 241 21.59 6.86 11.66
C MET A 241 20.76 8.13 11.65
N PHE A 242 21.40 9.27 11.90
CA PHE A 242 20.69 10.53 12.13
C PHE A 242 20.83 11.42 10.91
N TYR A 243 19.81 11.41 10.06
CA TYR A 243 19.78 12.27 8.89
C TYR A 243 19.07 13.57 9.25
N THR A 244 19.78 14.68 9.10
CA THR A 244 19.16 15.99 9.15
C THR A 244 18.95 16.47 7.73
N ILE A 245 17.94 17.32 7.56
CA ILE A 245 17.50 17.70 6.23
C ILE A 245 18.44 18.73 5.61
N GLU A 246 18.97 19.63 6.45
CA GLU A 246 19.79 20.72 5.93
C GLU A 246 21.14 20.23 5.41
N ASN A 247 21.77 19.28 6.10
CA ASN A 247 23.08 18.80 5.69
C ASN A 247 23.04 17.69 4.64
N ALA A 248 21.89 17.44 4.02
CA ALA A 248 21.79 16.37 3.04
C ALA A 248 21.36 16.85 1.66
N VAL A 249 20.32 17.69 1.59
CA VAL A 249 19.75 18.14 0.33
C VAL A 249 19.84 19.66 0.25
N PRO A 250 20.26 20.23 -0.88
CA PRO A 250 20.29 21.69 -0.99
C PRO A 250 18.87 22.25 -1.08
N ILE A 251 18.68 23.39 -0.43
CA ILE A 251 17.35 23.87 -0.05
C ILE A 251 17.09 25.20 -0.73
N HIS A 252 16.01 25.28 -1.49
CA HIS A 252 15.67 26.51 -2.19
C HIS A 252 14.70 27.33 -1.36
N LEU A 253 15.15 28.50 -0.92
CA LEU A 253 14.25 29.48 -0.33
C LEU A 253 13.35 30.06 -1.40
N LEU A 254 12.10 30.32 -1.03
CA LEU A 254 11.09 30.72 -2.00
C LEU A 254 10.26 31.84 -1.40
N ARG A 255 10.29 33.02 -2.04
CA ARG A 255 9.42 34.12 -1.68
C ARG A 255 8.04 33.89 -2.27
N THR A 256 7.16 34.89 -2.14
CA THR A 256 5.76 34.75 -2.52
C THR A 256 5.49 34.75 -4.01
N GLY A 257 6.51 34.92 -4.85
CA GLY A 257 6.32 34.84 -6.28
C GLY A 257 7.18 33.75 -6.89
N ASP A 258 7.24 32.62 -6.23
CA ASP A 258 8.16 31.55 -6.56
C ASP A 258 7.63 30.65 -7.68
N GLU A 259 8.52 29.80 -8.19
CA GLU A 259 8.10 28.69 -9.04
C GLU A 259 9.22 27.64 -8.91
N PHE A 260 8.97 26.63 -8.09
CA PHE A 260 9.96 25.58 -7.85
C PHE A 260 9.61 24.37 -8.70
N SER A 261 10.36 24.15 -9.77
CA SER A 261 10.06 23.12 -10.76
C SER A 261 11.03 21.96 -10.56
N THR A 262 10.49 20.81 -10.18
CA THR A 262 11.27 19.59 -10.21
C THR A 262 11.44 19.12 -11.65
N GLY A 263 12.66 18.69 -11.98
CA GLY A 263 12.91 18.13 -13.29
C GLY A 263 12.14 16.84 -13.51
N THR A 264 11.89 16.54 -14.78
CA THR A 264 11.09 15.39 -15.15
C THR A 264 11.83 14.11 -14.83
N TYR A 265 11.41 13.44 -13.76
CA TYR A 265 11.95 12.15 -13.38
C TYR A 265 11.44 11.08 -14.32
N TYR A 266 12.34 10.31 -14.89
CA TYR A 266 11.99 9.21 -15.79
C TYR A 266 12.12 7.89 -15.04
N PHE A 267 11.03 7.15 -14.96
CA PHE A 267 11.03 5.88 -14.24
C PHE A 267 11.76 4.81 -15.03
N ASP A 268 12.07 3.71 -14.34
CA ASP A 268 12.49 2.45 -14.96
C ASP A 268 11.88 1.35 -14.09
N THR A 269 10.68 0.93 -14.46
CA THR A 269 9.90 -0.03 -13.67
C THR A 269 9.54 -1.23 -14.54
N LYS A 270 9.12 -2.30 -13.88
CA LYS A 270 8.51 -3.39 -14.60
C LYS A 270 7.12 -2.98 -15.09
N PRO A 271 6.69 -3.47 -16.25
CA PRO A 271 5.30 -3.28 -16.64
C PRO A 271 4.39 -4.14 -15.77
N LEU A 272 3.52 -3.47 -15.03
CA LEU A 272 2.44 -4.13 -14.30
C LEU A 272 1.52 -4.86 -15.28
N LYS A 273 0.82 -5.87 -14.79
CA LYS A 273 -0.22 -6.52 -15.57
C LYS A 273 -1.53 -6.44 -14.80
N MET A 274 -2.46 -5.61 -15.30
CA MET A 274 -3.77 -5.49 -14.67
C MET A 274 -4.64 -6.72 -14.87
N THR A 275 -4.32 -7.57 -15.83
CA THR A 275 -5.15 -8.74 -16.05
C THR A 275 -4.84 -9.81 -15.01
N HIS A 276 -5.83 -10.12 -14.17
CA HIS A 276 -5.65 -11.14 -13.14
C HIS A 276 -5.73 -12.53 -13.76
N SER A 277 -5.07 -13.47 -13.12
CA SER A 277 -5.04 -14.86 -13.57
C SER A 277 -5.96 -15.70 -12.70
N TRP A 278 -6.69 -16.61 -13.33
CA TRP A 278 -7.64 -17.45 -12.64
C TRP A 278 -7.24 -18.92 -12.61
N GLN A 279 -6.30 -19.33 -13.44
CA GLN A 279 -5.96 -20.74 -13.55
C GLN A 279 -5.21 -21.21 -12.32
N THR A 280 -5.51 -22.43 -11.91
CA THR A 280 -4.96 -22.99 -10.69
C THR A 280 -4.41 -24.37 -11.05
N ASN A 281 -3.89 -25.13 -10.09
CA ASN A 281 -3.32 -26.42 -10.42
C ASN A 281 -4.40 -27.47 -10.64
N ARG A 282 -5.65 -27.14 -10.39
CA ARG A 282 -6.73 -27.92 -10.92
C ARG A 282 -7.26 -27.34 -12.23
N SER A 283 -6.52 -26.40 -12.83
CA SER A 283 -6.93 -25.78 -14.08
C SER A 283 -5.75 -25.55 -15.02
N LEU A 284 -4.54 -25.99 -14.70
CA LEU A 284 -3.44 -25.90 -15.63
C LEU A 284 -3.41 -27.15 -16.50
N GLY A 285 -3.14 -26.97 -17.78
CA GLY A 285 -2.85 -28.09 -18.66
C GLY A 285 -4.07 -28.63 -19.37
N LEU A 286 -3.97 -29.90 -19.74
CA LEU A 286 -4.97 -30.57 -20.56
C LEU A 286 -5.82 -31.47 -19.69
N PRO A 287 -7.14 -31.31 -19.66
CA PRO A 287 -8.00 -32.11 -18.81
C PRO A 287 -8.08 -33.54 -19.31
N PRO A 288 -8.38 -34.50 -18.44
CA PRO A 288 -8.51 -35.88 -18.89
C PRO A 288 -9.78 -36.07 -19.70
N LYS A 289 -9.71 -36.93 -20.70
CA LYS A 289 -10.87 -37.16 -21.55
C LYS A 289 -11.91 -37.99 -20.82
N LEU A 290 -13.16 -37.80 -21.20
CA LEU A 290 -14.29 -38.44 -20.55
C LEU A 290 -15.03 -39.31 -21.56
N ALA A 291 -15.53 -40.44 -21.09
CA ALA A 291 -16.29 -41.36 -21.93
C ALA A 291 -17.79 -41.19 -21.77
N THR A 292 -18.26 -40.95 -20.55
CA THR A 292 -19.68 -40.72 -20.28
C THR A 292 -19.92 -39.21 -20.35
N GLU A 293 -20.53 -38.76 -21.44
CA GLU A 293 -20.86 -37.36 -21.61
C GLU A 293 -22.35 -37.15 -21.38
N PRO A 294 -22.75 -36.02 -20.80
CA PRO A 294 -24.14 -35.85 -20.38
C PRO A 294 -25.09 -35.69 -21.56
N THR A 295 -26.37 -35.86 -21.25
CA THR A 295 -27.44 -35.83 -22.25
C THR A 295 -28.48 -34.77 -21.95
N THR A 296 -28.71 -34.44 -20.67
CA THR A 296 -29.80 -33.56 -20.28
C THR A 296 -29.32 -32.12 -20.14
N GLU A 297 -30.26 -31.19 -20.31
CA GLU A 297 -29.98 -29.78 -20.09
C GLU A 297 -29.87 -29.49 -18.60
N GLY A 298 -28.94 -28.61 -18.25
CA GLY A 298 -28.77 -28.25 -16.87
C GLY A 298 -27.54 -28.91 -16.28
N GLN A 299 -26.81 -28.15 -15.47
CA GLN A 299 -25.53 -28.60 -14.94
C GLN A 299 -25.68 -29.35 -13.62
N GLN A 300 -26.88 -29.83 -13.30
CA GLN A 300 -27.04 -30.77 -12.20
C GLN A 300 -26.53 -32.14 -12.58
N HIS A 301 -26.47 -32.45 -13.88
CA HIS A 301 -25.97 -33.73 -14.36
C HIS A 301 -24.54 -33.57 -14.86
N THR A 302 -23.68 -34.49 -14.44
CA THR A 302 -22.24 -34.35 -14.61
C THR A 302 -21.70 -35.46 -15.48
N GLY A 303 -20.75 -35.13 -16.35
CA GLY A 303 -20.07 -36.14 -17.13
C GLY A 303 -19.11 -36.93 -16.26
N THR A 304 -19.00 -38.22 -16.56
CA THR A 304 -18.18 -39.15 -15.78
C THR A 304 -16.94 -39.51 -16.57
N LEU A 305 -15.77 -39.44 -15.91
CA LEU A 305 -14.51 -39.79 -16.54
C LEU A 305 -14.36 -41.32 -16.62
N LYS A 306 -13.16 -41.74 -17.01
CA LYS A 306 -12.81 -43.16 -17.03
C LYS A 306 -12.48 -43.62 -15.61
N ALA A 307 -11.98 -44.84 -15.49
CA ALA A 307 -11.63 -45.35 -14.17
C ALA A 307 -10.34 -44.69 -13.67
N ALA A 308 -10.09 -44.85 -12.37
CA ALA A 308 -8.90 -44.25 -11.77
C ALA A 308 -7.64 -44.99 -12.21
N THR A 309 -7.67 -46.33 -12.18
CA THR A 309 -6.51 -47.12 -12.54
C THR A 309 -6.35 -47.29 -14.05
N ASP A 310 -7.35 -46.89 -14.83
CA ASP A 310 -7.28 -47.07 -16.28
C ASP A 310 -6.73 -45.86 -17.01
N ARG A 311 -6.67 -44.69 -16.36
CA ARG A 311 -6.15 -43.52 -17.03
C ARG A 311 -4.63 -43.59 -17.15
N GLU A 312 -4.08 -42.75 -18.00
CA GLU A 312 -2.67 -42.79 -18.37
C GLU A 312 -2.08 -41.40 -18.27
N GLY A 313 -0.77 -41.31 -18.45
CA GLY A 313 -0.07 -40.04 -18.48
C GLY A 313 1.09 -40.01 -17.51
N ILE A 314 1.72 -38.84 -17.45
CA ILE A 314 2.82 -38.59 -16.53
C ILE A 314 2.23 -38.22 -15.18
N HIS A 315 2.90 -38.62 -14.09
CA HIS A 315 2.30 -38.60 -12.77
C HIS A 315 3.40 -38.62 -11.70
N GLN A 316 3.15 -37.92 -10.59
CA GLN A 316 4.20 -37.58 -9.63
C GLN A 316 4.32 -38.52 -8.44
N THR A 317 3.56 -39.59 -8.36
CA THR A 317 3.58 -40.47 -7.19
C THR A 317 4.02 -41.87 -7.62
N ILE A 318 3.81 -42.85 -6.73
CA ILE A 318 4.15 -44.23 -7.02
C ILE A 318 2.92 -45.02 -7.45
N ASN A 319 1.76 -44.67 -6.90
CA ASN A 319 0.53 -45.46 -7.07
C ASN A 319 0.05 -45.48 -8.52
N ASN A 320 -0.81 -46.46 -8.82
CA ASN A 320 -1.22 -46.72 -10.20
C ASN A 320 -2.36 -45.80 -10.63
N SER A 321 -3.28 -45.49 -9.73
CA SER A 321 -4.48 -44.73 -10.08
C SER A 321 -4.12 -43.26 -10.28
N TYR A 322 -4.54 -42.70 -11.42
CA TYR A 322 -4.22 -41.33 -11.77
C TYR A 322 -5.46 -40.47 -11.55
N THR A 323 -5.62 -40.00 -10.33
CA THR A 323 -6.68 -39.04 -10.07
C THR A 323 -6.27 -37.66 -10.57
N GLU A 324 -7.20 -36.70 -10.45
CA GLU A 324 -6.96 -35.35 -10.91
C GLU A 324 -6.32 -34.48 -9.84
N ALA A 325 -6.42 -34.88 -8.56
CA ALA A 325 -5.74 -34.16 -7.50
C ALA A 325 -4.23 -34.31 -7.61
N THR A 326 -3.73 -35.54 -7.55
CA THR A 326 -2.32 -35.83 -7.80
C THR A 326 -2.15 -35.94 -9.31
N ALA A 327 -1.84 -34.82 -9.95
CA ALA A 327 -1.64 -34.81 -11.39
C ALA A 327 -0.25 -34.24 -11.65
N LEU A 328 0.05 -34.01 -12.92
CA LEU A 328 1.33 -33.45 -13.31
C LEU A 328 1.09 -32.03 -13.82
N ARG A 329 1.30 -31.06 -12.94
CA ARG A 329 1.06 -29.65 -13.21
C ARG A 329 2.39 -28.92 -13.24
N PRO A 330 2.55 -27.91 -14.10
CA PRO A 330 3.87 -27.28 -14.31
C PRO A 330 4.47 -26.62 -13.08
N ALA A 331 3.72 -25.80 -12.37
CA ALA A 331 4.19 -25.19 -11.14
C ALA A 331 2.97 -24.80 -10.33
N GLN A 332 3.13 -24.74 -9.01
CA GLN A 332 2.01 -24.37 -8.17
C GLN A 332 1.85 -22.85 -8.22
N VAL A 333 0.61 -22.41 -8.21
CA VAL A 333 0.30 -20.99 -8.08
C VAL A 333 -0.01 -20.72 -6.62
N GLY A 334 0.53 -19.64 -6.09
CA GLY A 334 0.43 -19.37 -4.68
C GLY A 334 1.31 -20.29 -3.85
N TYR A 335 1.37 -20.01 -2.56
CA TYR A 335 2.24 -20.74 -1.66
C TYR A 335 1.67 -20.61 -0.26
N ASN A 336 1.72 -21.70 0.51
CA ASN A 336 1.21 -21.66 1.86
C ASN A 336 2.13 -20.84 2.74
N THR A 337 1.71 -19.64 3.03
CA THR A 337 2.52 -18.86 3.93
C THR A 337 2.29 -19.34 5.36
N PRO A 338 3.31 -19.45 6.20
CA PRO A 338 3.02 -19.57 7.62
C PRO A 338 2.44 -18.27 8.11
N TYR A 339 1.14 -18.27 8.37
CA TYR A 339 0.37 -17.05 8.50
C TYR A 339 0.20 -16.70 9.98
N MET A 340 0.02 -15.39 10.21
CA MET A 340 -0.01 -14.78 11.54
C MET A 340 1.24 -15.11 12.33
N ASN A 341 2.37 -15.15 11.63
CA ASN A 341 3.65 -15.61 12.16
C ASN A 341 4.41 -14.38 12.62
N PHE A 342 4.51 -14.20 13.93
CA PHE A 342 5.18 -13.04 14.45
C PHE A 342 6.67 -13.31 14.57
N GLU A 343 7.42 -12.92 13.53
CA GLU A 343 8.87 -12.88 13.57
C GLU A 343 9.28 -11.79 14.54
N TYR A 344 10.52 -11.88 15.03
CA TYR A 344 11.04 -10.94 16.01
C TYR A 344 12.45 -10.48 15.69
N SER A 345 12.59 -9.25 15.20
CA SER A 345 13.90 -8.74 14.85
C SER A 345 14.35 -7.57 15.72
N ASP A 346 15.65 -7.32 15.73
CA ASP A 346 16.22 -6.23 16.53
C ASP A 346 15.24 -5.07 16.70
N GLY A 347 14.37 -4.86 15.71
CA GLY A 347 13.35 -3.83 15.86
C GLY A 347 12.25 -4.21 16.83
N GLY A 348 11.75 -5.43 16.75
CA GLY A 348 10.64 -5.85 17.58
C GLY A 348 9.86 -7.00 16.99
N PRO A 349 8.71 -7.34 17.59
CA PRO A 349 7.86 -8.37 16.99
C PRO A 349 7.08 -7.82 15.79
N PHE A 350 6.99 -8.61 14.72
CA PHE A 350 6.26 -8.17 13.54
C PHE A 350 5.71 -9.37 12.80
N LEU A 351 4.56 -9.18 12.15
CA LEU A 351 3.92 -10.22 11.36
C LEU A 351 4.57 -10.33 9.99
N THR A 352 4.70 -11.57 9.52
CA THR A 352 5.26 -11.81 8.19
C THR A 352 4.27 -11.34 7.13
N PRO A 353 4.66 -10.42 6.25
CA PRO A 353 3.73 -9.98 5.21
C PRO A 353 3.49 -11.08 4.18
N ILE A 354 2.23 -11.31 3.87
CA ILE A 354 1.83 -12.34 2.94
C ILE A 354 1.55 -11.67 1.61
N VAL A 355 1.91 -12.33 0.51
CA VAL A 355 1.53 -11.85 -0.82
C VAL A 355 0.01 -11.88 -0.94
N PRO A 356 -0.63 -10.75 -1.25
CA PRO A 356 -2.09 -10.72 -1.26
C PRO A 356 -2.64 -11.40 -2.51
N VAL A 357 -3.69 -12.20 -2.33
CA VAL A 357 -4.20 -13.05 -3.38
C VAL A 357 -5.65 -13.33 -3.03
N TYR A 358 -6.45 -13.69 -4.03
CA TYR A 358 -7.87 -13.91 -3.82
C TYR A 358 -8.11 -15.13 -2.96
N ASP A 359 -8.94 -14.97 -1.93
CA ASP A 359 -9.24 -16.05 -1.01
C ASP A 359 -10.06 -17.15 -1.67
N THR A 360 -10.36 -18.18 -0.91
CA THR A 360 -11.19 -19.26 -1.44
C THR A 360 -12.65 -18.85 -1.40
N GLN A 361 -13.53 -19.81 -1.69
CA GLN A 361 -14.96 -19.56 -1.59
C GLN A 361 -15.38 -19.39 -0.14
N TYR A 362 -14.62 -19.98 0.77
CA TYR A 362 -14.72 -19.71 2.20
C TYR A 362 -13.85 -18.50 2.49
N ASN A 363 -14.48 -17.41 2.91
CA ASN A 363 -13.78 -16.15 3.13
C ASN A 363 -12.93 -16.26 4.38
N ALA A 364 -11.61 -16.33 4.19
CA ALA A 364 -10.66 -16.44 5.29
C ALA A 364 -9.83 -15.17 5.46
N ASP A 365 -9.13 -14.77 4.39
CA ASP A 365 -8.50 -13.46 4.16
C ASP A 365 -7.27 -13.17 5.01
N GLU A 366 -7.06 -13.91 6.08
CA GLU A 366 -5.89 -13.78 6.93
C GLU A 366 -4.69 -14.60 6.45
N PRO A 367 -4.82 -15.87 6.04
CA PRO A 367 -3.68 -16.50 5.38
C PRO A 367 -3.50 -16.11 3.92
N ASN A 368 -4.38 -15.26 3.38
CA ASN A 368 -4.28 -14.81 2.01
C ASN A 368 -3.90 -13.35 1.90
N GLY A 369 -3.73 -12.67 3.03
CA GLY A 369 -3.24 -11.30 3.03
C GLY A 369 -4.25 -10.27 2.59
N ALA A 370 -5.32 -10.10 3.36
CA ALA A 370 -6.32 -9.10 3.04
C ALA A 370 -5.77 -7.70 3.30
N TYR A 371 -6.33 -6.72 2.61
CA TYR A 371 -6.10 -5.33 2.97
C TYR A 371 -7.26 -4.81 3.80
N ARG A 372 -6.95 -4.12 4.88
CA ARG A 372 -7.91 -3.48 5.76
C ARG A 372 -7.46 -2.04 5.86
N ILE A 373 -7.94 -1.19 4.97
CA ILE A 373 -7.41 0.15 4.86
C ILE A 373 -8.41 1.13 5.47
N THR A 374 -8.03 1.73 6.58
CA THR A 374 -8.79 2.79 7.22
C THR A 374 -8.29 4.13 6.69
N MET A 375 -9.22 4.98 6.28
CA MET A 375 -8.88 6.25 5.64
C MET A 375 -9.17 7.41 6.59
N GLY A 376 -8.87 8.61 6.11
CA GLY A 376 -9.30 9.83 6.75
C GLY A 376 -10.43 10.49 5.99
N TYR A 377 -10.81 11.69 6.44
CA TYR A 377 -11.86 12.41 5.76
C TYR A 377 -11.37 13.19 4.55
N GLN A 378 -10.11 13.02 4.17
CA GLN A 378 -9.58 13.51 2.91
C GLN A 378 -9.43 12.40 1.88
N HIS A 379 -9.69 11.15 2.27
CA HIS A 379 -9.33 10.01 1.46
C HIS A 379 -10.50 9.13 1.05
N GLY A 380 -11.68 9.37 1.61
CA GLY A 380 -12.90 8.65 1.30
C GLY A 380 -13.93 9.13 2.30
N GLN A 381 -14.78 8.24 2.83
CA GLN A 381 -15.42 8.44 4.12
C GLN A 381 -16.32 9.66 4.27
N ILE A 382 -17.58 9.54 3.84
CA ILE A 382 -18.65 10.55 3.93
C ILE A 382 -18.55 11.28 5.26
N THR A 383 -18.52 12.60 5.21
CA THR A 383 -17.88 13.39 6.25
C THR A 383 -18.82 13.68 7.41
N THR A 384 -19.78 12.79 7.67
CA THR A 384 -20.72 12.93 8.77
C THR A 384 -20.09 12.39 10.06
N ALA A 385 -20.94 12.19 11.08
CA ALA A 385 -20.46 12.00 12.45
C ALA A 385 -19.95 10.60 12.73
N THR A 386 -19.96 9.71 11.73
CA THR A 386 -19.53 8.34 11.95
C THR A 386 -18.01 8.25 12.10
N GLU A 387 -17.54 7.05 12.40
CA GLU A 387 -16.11 6.78 12.49
C GLU A 387 -15.63 6.37 11.11
N LEU A 388 -14.44 5.81 10.99
CA LEU A 388 -13.77 5.70 9.71
C LEU A 388 -14.13 4.38 9.03
N GLY A 389 -14.38 4.45 7.71
CA GLY A 389 -14.70 3.28 6.91
C GLY A 389 -13.54 2.31 6.77
N ARG A 390 -13.88 1.06 6.44
CA ARG A 390 -12.98 -0.06 6.66
C ARG A 390 -12.58 -0.83 5.39
N TYR A 391 -13.54 -1.36 4.61
CA TYR A 391 -13.36 -2.19 3.41
C TYR A 391 -12.26 -3.27 3.48
N THR A 392 -12.52 -4.36 4.20
CA THR A 392 -11.67 -5.54 4.05
C THR A 392 -11.63 -6.00 2.59
N LEU A 393 -10.47 -5.88 1.95
CA LEU A 393 -10.35 -6.15 0.53
C LEU A 393 -9.50 -7.37 0.22
N ASN A 394 -9.56 -7.77 -1.05
CA ASN A 394 -8.70 -8.76 -1.67
C ASN A 394 -8.59 -8.41 -3.13
N PRO A 395 -7.54 -8.87 -3.81
CA PRO A 395 -7.61 -8.94 -5.28
C PRO A 395 -8.50 -10.08 -5.72
N ILE A 396 -8.62 -10.23 -7.03
CA ILE A 396 -9.39 -11.35 -7.55
C ILE A 396 -8.54 -12.25 -8.44
N SER A 397 -7.22 -12.24 -8.26
CA SER A 397 -6.36 -13.19 -8.94
C SER A 397 -6.43 -14.53 -8.20
N LYS A 398 -7.04 -15.53 -8.83
CA LYS A 398 -7.39 -16.78 -8.15
C LYS A 398 -6.14 -17.63 -7.99
N GLY A 399 -5.44 -17.43 -6.88
CA GLY A 399 -4.31 -18.27 -6.53
C GLY A 399 -4.15 -18.53 -5.05
N GLY A 400 -5.26 -18.43 -4.30
CA GLY A 400 -5.17 -18.47 -2.85
C GLY A 400 -5.67 -19.76 -2.23
N ARG A 401 -5.30 -20.02 -0.98
CA ARG A 401 -5.57 -21.30 -0.32
C ARG A 401 -6.40 -21.07 0.92
N ALA A 402 -6.97 -22.16 1.44
CA ALA A 402 -7.71 -22.08 2.68
C ALA A 402 -7.06 -22.96 3.74
N PRO A 403 -7.00 -22.50 5.00
CA PRO A 403 -6.31 -23.29 6.01
C PRO A 403 -7.13 -24.44 6.58
N ASN A 404 -8.45 -24.29 6.60
CA ASN A 404 -9.30 -25.37 7.07
C ASN A 404 -9.68 -26.33 5.95
N GLN A 405 -9.11 -26.16 4.77
CA GLN A 405 -9.41 -27.04 3.65
C GLN A 405 -8.21 -27.82 3.17
N GLU A 406 -7.08 -27.72 3.88
CA GLU A 406 -5.90 -28.46 3.45
C GLU A 406 -5.62 -29.65 4.37
N PHE A 407 -4.83 -30.59 3.87
CA PHE A 407 -4.43 -31.75 4.66
C PHE A 407 -3.12 -32.30 4.10
N ASN A 408 -2.49 -33.15 4.90
CA ASN A 408 -1.20 -33.73 4.57
C ASN A 408 -1.23 -35.21 4.96
N GLN A 409 -0.43 -36.01 4.27
CA GLN A 409 -0.46 -37.45 4.46
C GLN A 409 0.95 -37.98 4.64
N SER A 410 1.06 -39.29 4.82
CA SER A 410 2.34 -39.97 4.94
C SER A 410 2.98 -40.11 3.57
N SER A 411 4.12 -40.81 3.51
CA SER A 411 4.80 -40.95 2.22
C SER A 411 4.06 -41.88 1.26
N PRO A 412 3.61 -43.10 1.59
CA PRO A 412 2.76 -43.82 0.64
C PRO A 412 1.40 -43.18 0.56
N LEU A 413 0.76 -43.32 -0.60
CA LEU A 413 -0.40 -42.49 -0.90
C LEU A 413 -1.64 -43.00 -0.18
N GLN A 414 -2.07 -44.22 -0.50
CA GLN A 414 -3.00 -45.01 0.29
C GLN A 414 -4.35 -44.30 0.45
N MET A 415 -5.10 -44.25 -0.66
CA MET A 415 -6.51 -43.89 -0.59
C MET A 415 -7.24 -44.80 0.38
N GLU A 416 -8.31 -44.27 0.98
CA GLU A 416 -8.90 -44.76 2.23
C GLU A 416 -7.82 -44.85 3.31
N ASN A 417 -7.32 -43.67 3.67
CA ASN A 417 -6.09 -43.51 4.43
C ASN A 417 -6.25 -43.83 5.90
N THR A 418 -5.15 -44.25 6.51
CA THR A 418 -5.11 -44.60 7.92
C THR A 418 -5.33 -43.36 8.78
N LEU A 419 -6.00 -43.53 9.92
CA LEU A 419 -6.24 -42.46 10.90
C LEU A 419 -4.96 -41.76 11.33
N ASN A 420 -3.87 -42.50 11.51
CA ASN A 420 -2.61 -41.90 11.94
C ASN A 420 -1.69 -41.54 10.78
N GLY A 421 -2.13 -41.75 9.55
CA GLY A 421 -1.27 -41.50 8.39
C GLY A 421 -1.55 -40.20 7.69
N THR A 422 -2.66 -39.56 8.02
CA THR A 422 -3.06 -38.31 7.39
C THR A 422 -3.29 -37.23 8.44
N LEU A 423 -2.80 -36.03 8.13
CA LEU A 423 -2.80 -34.92 9.08
C LEU A 423 -3.96 -34.01 8.69
N LEU A 424 -5.11 -34.24 9.29
CA LEU A 424 -6.23 -33.35 9.06
C LEU A 424 -6.07 -32.09 9.89
N PRO A 425 -6.68 -30.96 9.49
CA PRO A 425 -6.53 -29.73 10.28
C PRO A 425 -7.37 -29.72 11.56
N THR A 426 -7.99 -30.82 11.95
CA THR A 426 -8.49 -30.94 13.31
C THR A 426 -7.37 -31.29 14.29
N ASP A 427 -6.22 -31.71 13.79
CA ASP A 427 -5.13 -32.13 14.66
C ASP A 427 -4.41 -30.92 15.24
N PRO A 428 -4.10 -30.91 16.52
CA PRO A 428 -3.30 -29.83 17.10
C PRO A 428 -1.85 -29.92 16.68
N ILE A 429 -1.09 -28.88 17.02
CA ILE A 429 0.36 -28.86 16.90
C ILE A 429 0.93 -28.59 18.28
N GLY A 430 1.52 -29.61 18.88
CA GLY A 430 2.03 -29.47 20.23
C GLY A 430 0.97 -29.34 21.29
N GLY A 431 -0.24 -29.83 21.02
CA GLY A 431 -1.32 -29.77 21.99
C GLY A 431 -2.18 -28.53 21.92
N LYS A 432 -1.97 -27.67 20.92
CA LYS A 432 -2.74 -26.44 20.77
C LYS A 432 -3.81 -26.66 19.70
N THR A 433 -5.08 -26.73 20.13
CA THR A 433 -6.14 -27.24 19.27
C THR A 433 -6.56 -26.24 18.20
N ASP A 434 -6.45 -24.94 18.47
CA ASP A 434 -6.84 -23.95 17.47
C ASP A 434 -5.77 -23.81 16.40
N ILE A 435 -4.57 -24.29 16.68
CA ILE A 435 -3.44 -24.10 15.76
C ILE A 435 -3.28 -25.38 14.94
N HIS A 436 -3.22 -25.21 13.63
CA HIS A 436 -3.21 -26.33 12.70
C HIS A 436 -1.80 -26.49 12.15
N PHE A 437 -1.62 -27.44 11.22
CA PHE A 437 -0.30 -27.63 10.63
C PHE A 437 0.08 -26.45 9.75
N THR A 438 -0.91 -25.83 9.11
CA THR A 438 -0.67 -24.76 8.14
C THR A 438 -0.19 -23.46 8.77
N ASN A 439 -0.29 -23.33 10.09
CA ASN A 439 0.30 -22.19 10.78
C ASN A 439 1.82 -22.21 10.72
N THR A 440 2.42 -23.39 10.64
CA THR A 440 3.85 -23.56 10.53
C THR A 440 4.28 -23.95 9.12
N LEU A 441 3.38 -24.55 8.35
CA LEU A 441 3.70 -25.17 7.07
C LEU A 441 3.95 -24.12 6.00
N ASN A 442 5.12 -24.20 5.37
CA ASN A 442 5.47 -23.37 4.22
C ASN A 442 5.70 -24.27 3.01
N THR A 443 5.21 -23.84 1.85
CA THR A 443 5.38 -24.58 0.61
C THR A 443 5.96 -23.75 -0.51
N TYR A 444 6.71 -22.70 -0.20
CA TYR A 444 7.32 -21.89 -1.25
C TYR A 444 8.51 -22.63 -1.82
N GLY A 445 8.26 -23.43 -2.85
CA GLY A 445 9.32 -24.10 -3.57
C GLY A 445 9.84 -23.21 -4.67
N PRO A 446 10.76 -23.73 -5.48
CA PRO A 446 11.29 -22.93 -6.59
C PRO A 446 10.29 -22.72 -7.69
N LEU A 447 9.57 -23.78 -8.07
CA LEU A 447 8.47 -23.69 -9.01
C LEU A 447 7.18 -23.17 -8.39
N THR A 448 7.19 -21.93 -7.92
CA THR A 448 6.01 -21.29 -7.37
C THR A 448 5.72 -20.03 -8.19
N ALA A 449 4.81 -20.15 -9.14
CA ALA A 449 4.34 -18.98 -9.86
C ALA A 449 3.45 -18.15 -8.96
N LEU A 450 3.49 -16.83 -9.16
CA LEU A 450 2.84 -15.93 -8.22
C LEU A 450 2.51 -14.62 -8.90
N ASN A 451 1.33 -14.10 -8.62
CA ASN A 451 0.93 -12.79 -9.13
C ASN A 451 1.40 -11.70 -8.20
N ASN A 452 1.52 -10.49 -8.74
CA ASN A 452 2.10 -9.38 -8.00
C ASN A 452 1.05 -8.77 -7.07
N THR A 453 1.45 -7.71 -6.39
CA THR A 453 0.54 -6.97 -5.55
C THR A 453 -0.49 -6.25 -6.39
N PRO A 454 -1.78 -6.35 -6.08
CA PRO A 454 -2.77 -5.53 -6.74
C PRO A 454 -2.60 -4.07 -6.36
N PRO A 455 -2.80 -3.15 -7.29
CA PRO A 455 -2.86 -1.74 -6.90
C PRO A 455 -4.22 -1.46 -6.28
N ILE A 456 -4.20 -0.70 -5.20
CA ILE A 456 -5.39 -0.51 -4.39
C ILE A 456 -5.83 0.94 -4.55
N TYR A 457 -7.16 1.15 -4.59
CA TYR A 457 -7.70 2.42 -5.06
C TYR A 457 -8.71 2.92 -4.04
N PRO A 458 -8.68 4.21 -3.71
CA PRO A 458 -7.73 5.23 -4.16
C PRO A 458 -6.54 5.31 -3.24
N ASN A 459 -6.48 4.40 -2.29
CA ASN A 459 -5.64 4.52 -1.10
C ASN A 459 -4.31 3.80 -1.19
N GLY A 460 -4.09 3.03 -2.24
CA GLY A 460 -2.85 2.30 -2.34
C GLY A 460 -1.69 3.17 -2.77
N GLN A 461 -0.52 2.55 -2.74
CA GLN A 461 0.73 3.20 -3.11
C GLN A 461 1.03 2.89 -4.57
N ILE A 462 1.70 3.83 -5.25
CA ILE A 462 1.98 3.64 -6.67
C ILE A 462 3.34 3.01 -6.86
N TRP A 463 4.40 3.72 -6.49
CA TRP A 463 5.75 3.22 -6.66
C TRP A 463 6.37 2.98 -5.28
N ASP A 464 7.55 2.38 -5.29
CA ASP A 464 8.23 2.09 -4.05
C ASP A 464 9.73 2.01 -4.30
N LYS A 465 10.49 2.38 -3.29
CA LYS A 465 11.94 2.27 -3.36
C LYS A 465 12.36 0.81 -3.39
N GLU A 466 13.29 0.50 -4.29
CA GLU A 466 13.95 -0.80 -4.23
C GLU A 466 14.73 -0.93 -2.93
N LEU A 467 14.52 -2.04 -2.23
CA LEU A 467 15.25 -2.31 -1.00
C LEU A 467 16.72 -2.50 -1.32
N ASP A 468 17.55 -1.58 -0.83
CA ASP A 468 18.99 -1.62 -1.11
C ASP A 468 19.60 -2.74 -0.27
N ALA A 469 19.39 -3.97 -0.72
CA ALA A 469 19.93 -5.15 -0.06
C ALA A 469 20.66 -5.96 -1.11
N ASP A 470 21.40 -6.95 -0.66
CA ASP A 470 22.20 -7.78 -1.54
C ASP A 470 21.29 -8.73 -2.32
N LEU A 471 20.31 -9.30 -1.64
CA LEU A 471 19.30 -10.11 -2.28
C LEU A 471 17.99 -9.33 -2.33
N LYS A 472 17.63 -8.88 -3.52
CA LYS A 472 16.43 -8.08 -3.66
C LYS A 472 15.19 -8.96 -3.57
N PRO A 473 14.11 -8.46 -2.99
CA PRO A 473 12.86 -9.24 -2.98
C PRO A 473 12.26 -9.28 -4.37
N ARG A 474 11.50 -10.34 -4.63
CA ARG A 474 10.96 -10.53 -5.97
C ARG A 474 9.78 -9.60 -6.23
N LEU A 475 9.02 -9.27 -5.19
CA LEU A 475 7.88 -8.38 -5.32
C LEU A 475 7.71 -7.61 -4.03
N HIS A 476 7.04 -6.47 -4.11
CA HIS A 476 6.72 -5.70 -2.92
C HIS A 476 5.23 -5.79 -2.63
N VAL A 477 4.89 -5.99 -1.36
CA VAL A 477 3.50 -6.01 -0.96
C VAL A 477 2.97 -4.60 -0.76
N THR A 478 3.84 -3.60 -0.63
CA THR A 478 3.38 -2.25 -0.38
C THR A 478 2.95 -1.51 -1.65
N ALA A 479 3.50 -1.86 -2.81
CA ALA A 479 3.30 -1.09 -4.02
C ALA A 479 3.65 -1.95 -5.22
N PRO A 480 2.89 -1.86 -6.30
CA PRO A 480 3.13 -2.77 -7.42
C PRO A 480 4.28 -2.35 -8.32
N PHE A 481 4.56 -1.05 -8.41
CA PHE A 481 5.66 -0.57 -9.25
C PHE A 481 6.94 -0.46 -8.44
N VAL A 482 8.02 -0.99 -8.99
CA VAL A 482 9.30 -1.06 -8.32
C VAL A 482 10.29 -0.25 -9.14
N CYS A 483 10.97 0.69 -8.49
CA CYS A 483 11.95 1.54 -9.17
C CYS A 483 13.33 0.97 -8.93
N LYS A 484 13.93 0.40 -9.97
CA LYS A 484 15.28 -0.16 -9.83
C LYS A 484 16.33 0.92 -9.66
N ASN A 485 16.14 2.06 -10.31
CA ASN A 485 17.06 3.18 -10.18
C ASN A 485 16.80 3.96 -8.91
N ASN A 486 17.34 5.16 -8.84
CA ASN A 486 17.06 6.09 -7.76
C ASN A 486 15.60 6.48 -7.82
N PRO A 487 14.80 6.26 -6.77
CA PRO A 487 13.37 6.59 -6.79
C PRO A 487 13.15 8.09 -6.86
N PRO A 488 11.94 8.56 -7.23
CA PRO A 488 11.75 10.00 -7.40
C PRO A 488 11.82 10.76 -6.10
N GLY A 489 12.25 12.01 -6.21
CA GLY A 489 12.54 12.81 -5.04
C GLY A 489 11.33 13.20 -4.22
N GLN A 490 11.28 12.73 -2.98
CA GLN A 490 10.28 13.23 -2.05
C GLN A 490 10.58 14.68 -1.68
N LEU A 491 9.53 15.45 -1.46
CA LEU A 491 9.61 16.90 -1.43
C LEU A 491 9.36 17.38 -0.01
N PHE A 492 10.34 18.05 0.58
CA PHE A 492 10.27 18.51 1.96
C PHE A 492 10.03 20.01 1.98
N VAL A 493 8.97 20.42 2.67
CA VAL A 493 8.56 21.82 2.72
C VAL A 493 8.47 22.24 4.17
N LYS A 494 9.11 23.37 4.51
CA LYS A 494 9.00 23.93 5.85
C LYS A 494 9.05 25.44 5.78
N ILE A 495 8.25 26.09 6.64
CA ILE A 495 8.29 27.53 6.78
C ILE A 495 9.64 27.95 7.38
N ALA A 496 10.27 28.94 6.76
CA ALA A 496 11.48 29.52 7.33
C ALA A 496 11.15 30.23 8.64
N PRO A 497 12.08 30.23 9.60
CA PRO A 497 11.80 30.86 10.90
C PRO A 497 11.64 32.37 10.80
N ASN A 498 10.42 32.83 11.06
CA ASN A 498 10.09 34.24 11.23
C ASN A 498 10.23 34.53 12.71
N LEU A 499 11.24 35.31 13.08
CA LEU A 499 11.64 35.40 14.47
C LEU A 499 11.13 36.65 15.17
N THR A 500 10.85 36.50 16.45
CA THR A 500 10.45 37.56 17.36
C THR A 500 11.66 38.46 17.62
N ASP A 501 11.44 39.66 18.15
CA ASP A 501 12.52 40.55 18.58
C ASP A 501 13.38 39.96 19.70
N ASP A 502 12.89 38.94 20.40
CA ASP A 502 13.59 38.37 21.54
C ASP A 502 14.87 37.65 21.12
N PHE A 503 15.80 37.54 22.07
CA PHE A 503 17.15 37.07 21.80
C PHE A 503 17.16 35.58 21.48
N ASN A 504 18.16 35.16 20.71
CA ASN A 504 18.24 33.80 20.22
C ASN A 504 19.50 33.07 20.67
N ALA A 505 20.28 33.64 21.56
CA ALA A 505 21.42 32.94 22.14
C ALA A 505 21.12 32.56 23.58
N ASP A 506 21.67 31.40 23.99
CA ASP A 506 21.50 30.84 25.33
C ASP A 506 20.04 30.65 25.70
N SER A 507 19.24 30.19 24.74
CA SER A 507 17.84 29.92 24.96
C SER A 507 17.47 28.60 24.30
N PRO A 508 16.78 27.72 25.01
CA PRO A 508 16.36 26.45 24.40
C PRO A 508 15.28 26.64 23.33
N GLN A 509 14.25 27.42 23.65
CA GLN A 509 13.11 27.60 22.78
C GLN A 509 12.92 29.08 22.50
N GLN A 510 12.91 29.44 21.25
CA GLN A 510 12.72 30.83 20.92
C GLN A 510 11.25 31.12 20.59
N PRO A 511 10.79 32.34 20.81
CA PRO A 511 9.46 32.71 20.30
C PRO A 511 9.53 33.06 18.81
N ARG A 512 8.43 32.83 18.13
CA ARG A 512 8.33 33.13 16.71
C ARG A 512 7.00 33.78 16.41
N ILE A 513 6.94 34.47 15.27
CA ILE A 513 5.67 34.91 14.71
C ILE A 513 4.92 33.68 14.22
N ILE A 514 3.68 33.50 14.70
CA ILE A 514 2.86 32.39 14.24
C ILE A 514 2.44 32.67 12.80
N THR A 515 2.58 31.66 11.95
CA THR A 515 2.34 31.85 10.53
C THR A 515 1.93 30.53 9.89
N TYR A 516 1.52 30.62 8.63
CA TYR A 516 1.14 29.45 7.85
C TYR A 516 1.42 29.73 6.39
N SER A 517 0.94 28.85 5.51
CA SER A 517 1.21 28.99 4.09
C SER A 517 0.12 28.31 3.29
N ASN A 518 -0.07 28.80 2.07
CA ASN A 518 -0.96 28.18 1.09
C ASN A 518 -0.21 28.16 -0.23
N PHE A 519 0.42 27.04 -0.54
CA PHE A 519 1.08 26.88 -1.83
C PHE A 519 0.39 25.81 -2.63
N TRP A 520 0.20 26.09 -3.91
CA TRP A 520 -0.32 25.08 -4.81
C TRP A 520 0.79 24.11 -5.15
N TRP A 521 0.41 22.96 -5.68
CA TRP A 521 1.34 21.88 -5.97
C TRP A 521 0.84 21.16 -7.21
N LYS A 522 1.58 21.25 -8.31
CA LYS A 522 1.17 20.61 -9.54
C LYS A 522 2.09 19.44 -9.86
N GLY A 523 1.48 18.27 -10.13
CA GLY A 523 2.22 17.11 -10.55
C GLY A 523 1.82 16.70 -11.96
N THR A 524 2.58 15.76 -12.51
CA THR A 524 2.27 15.18 -13.82
C THR A 524 2.87 13.80 -13.87
N LEU A 525 2.03 12.77 -13.84
CA LEU A 525 2.46 11.39 -13.75
C LEU A 525 2.08 10.68 -15.04
N THR A 526 3.00 10.63 -15.99
CA THR A 526 2.71 10.12 -17.31
C THR A 526 2.85 8.60 -17.32
N PHE A 527 1.73 7.90 -17.45
CA PHE A 527 1.71 6.45 -17.57
C PHE A 527 1.97 6.05 -19.01
N THR A 528 1.85 4.74 -19.28
CA THR A 528 1.84 4.16 -20.62
C THR A 528 1.22 2.79 -20.54
N ALA A 529 0.17 2.55 -21.32
CA ALA A 529 -0.65 1.36 -21.11
C ALA A 529 -1.09 0.80 -22.45
N ARG A 530 -1.34 -0.49 -22.49
CA ARG A 530 -1.79 -1.18 -23.69
C ARG A 530 -3.27 -1.48 -23.59
N MET A 531 -4.02 -1.14 -24.63
CA MET A 531 -5.44 -1.43 -24.69
C MET A 531 -5.67 -2.94 -24.76
N ARG A 532 -6.80 -3.37 -24.22
CA ARG A 532 -7.09 -4.79 -24.20
C ARG A 532 -7.76 -5.20 -25.51
N SER A 533 -7.58 -6.45 -25.89
CA SER A 533 -8.21 -7.01 -27.07
C SER A 533 -8.98 -8.24 -26.66
N SER A 534 -10.26 -8.27 -27.02
CA SER A 534 -11.16 -9.35 -26.66
C SER A 534 -11.02 -10.45 -27.70
N ASN A 535 -10.41 -11.56 -27.30
CA ASN A 535 -10.14 -12.68 -28.18
C ASN A 535 -11.02 -13.88 -27.91
N MET A 536 -12.26 -13.68 -27.49
CA MET A 536 -13.10 -14.72 -26.94
C MET A 536 -14.57 -14.43 -27.22
N TRP A 537 -15.44 -15.25 -26.64
CA TRP A 537 -16.86 -15.11 -26.93
C TRP A 537 -17.61 -14.38 -25.82
N ASN A 538 -17.55 -14.89 -24.60
CA ASN A 538 -18.42 -14.33 -23.58
C ASN A 538 -17.83 -13.04 -23.00
N PRO A 539 -18.70 -12.09 -22.65
CA PRO A 539 -18.21 -10.78 -22.19
C PRO A 539 -17.76 -10.84 -20.74
N ILE A 540 -16.59 -10.25 -20.47
CA ILE A 540 -15.96 -10.32 -19.16
C ILE A 540 -16.53 -9.30 -18.21
N HIS A 541 -16.20 -9.42 -16.93
CA HIS A 541 -16.71 -8.52 -15.90
C HIS A 541 -16.04 -7.16 -15.99
N GLN A 542 -16.81 -6.12 -16.28
CA GLN A 542 -16.36 -4.74 -16.31
C GLN A 542 -16.86 -4.03 -15.04
N HIS A 543 -16.20 -2.93 -14.71
CA HIS A 543 -16.56 -2.19 -13.51
C HIS A 543 -17.77 -1.31 -13.82
N THR A 544 -18.94 -1.77 -13.43
CA THR A 544 -20.20 -1.15 -13.76
C THR A 544 -20.59 -0.11 -12.71
N THR A 545 -21.84 0.34 -12.81
CA THR A 545 -22.43 1.32 -11.92
C THR A 545 -23.87 0.86 -11.68
N THR A 546 -24.13 0.30 -10.51
CA THR A 546 -25.47 -0.19 -10.23
C THR A 546 -26.30 0.90 -9.56
N ASN A 547 -27.58 0.59 -9.34
CA ASN A 547 -28.48 1.53 -8.66
C ASN A 547 -28.12 1.74 -7.21
N ASP A 548 -27.49 0.76 -6.57
CA ASP A 548 -26.99 0.91 -5.20
C ASP A 548 -25.54 1.37 -5.18
N ASN A 549 -25.00 1.82 -6.30
CA ASN A 549 -23.62 2.24 -6.39
C ASN A 549 -23.47 3.73 -6.64
N ILE A 550 -24.52 4.41 -7.11
CA ILE A 550 -24.41 5.83 -7.40
C ILE A 550 -24.32 6.66 -6.13
N VAL A 551 -24.81 6.14 -5.01
CA VAL A 551 -24.65 6.85 -3.75
C VAL A 551 -23.21 6.79 -3.27
N ASN A 552 -22.41 5.85 -3.78
CA ASN A 552 -20.99 5.81 -3.46
C ASN A 552 -20.15 6.69 -4.39
N TYR A 553 -20.80 7.43 -5.30
CA TYR A 553 -20.10 8.18 -6.33
C TYR A 553 -20.61 9.61 -6.47
N MET A 554 -21.57 10.02 -5.66
CA MET A 554 -22.24 11.30 -5.80
C MET A 554 -22.26 12.06 -4.48
N PRO A 555 -22.15 13.38 -4.51
CA PRO A 555 -22.25 14.16 -3.29
C PRO A 555 -23.69 14.29 -2.81
N SER A 556 -23.82 14.54 -1.50
CA SER A 556 -25.12 14.66 -0.86
C SER A 556 -25.49 16.13 -0.71
N ASN A 557 -26.53 16.39 0.09
CA ASN A 557 -27.04 17.74 0.27
C ASN A 557 -26.06 18.61 1.06
N ILE A 558 -25.20 17.99 1.87
CA ILE A 558 -24.22 18.77 2.62
C ILE A 558 -23.02 19.10 1.74
N GLY A 559 -22.52 18.11 1.01
CA GLY A 559 -21.26 18.26 0.30
C GLY A 559 -20.40 17.05 0.60
N GLY A 560 -21.00 16.03 1.18
CA GLY A 560 -20.27 14.85 1.60
C GLY A 560 -19.87 14.00 0.41
N MET A 561 -18.57 13.79 0.26
CA MET A 561 -18.01 12.97 -0.80
C MET A 561 -17.46 11.68 -0.20
N ARG A 562 -17.20 10.72 -1.07
CA ARG A 562 -16.73 9.40 -0.64
C ARG A 562 -15.97 8.73 -1.78
N LEU A 563 -14.95 7.98 -1.40
CA LEU A 563 -14.09 7.24 -2.33
C LEU A 563 -13.88 5.82 -1.84
N TYR A 564 -15.00 5.13 -1.59
CA TYR A 564 -15.05 3.68 -1.40
C TYR A 564 -14.27 2.95 -2.50
N PRO A 565 -13.60 1.86 -2.17
CA PRO A 565 -12.58 1.32 -3.06
C PRO A 565 -13.18 0.65 -4.28
N GLU A 566 -12.30 0.37 -5.23
CA GLU A 566 -12.62 -0.45 -6.38
C GLU A 566 -11.81 -1.73 -6.30
N ILE A 567 -12.49 -2.86 -6.37
CA ILE A 567 -11.85 -4.18 -6.39
C ILE A 567 -11.10 -4.27 -7.72
N PRO A 568 -9.78 -4.30 -7.71
CA PRO A 568 -9.02 -4.06 -8.94
C PRO A 568 -8.88 -5.34 -9.77
N GLN A 569 -8.20 -5.16 -10.92
CA GLN A 569 -7.72 -6.23 -11.78
C GLN A 569 -8.86 -7.11 -12.32
N LEU A 570 -9.69 -6.48 -13.15
CA LEU A 570 -10.95 -7.09 -13.54
C LEU A 570 -10.86 -7.98 -14.75
N ILE A 571 -10.00 -7.66 -15.71
CA ILE A 571 -9.90 -8.46 -16.93
C ILE A 571 -9.25 -9.80 -16.60
N PRO A 572 -9.85 -10.92 -16.99
CA PRO A 572 -9.18 -12.21 -16.78
C PRO A 572 -8.20 -12.53 -17.89
N ARG A 573 -7.24 -13.38 -17.55
CA ARG A 573 -6.24 -13.84 -18.50
C ARG A 573 -5.83 -15.25 -18.11
N LYS A 574 -5.20 -15.96 -19.02
CA LYS A 574 -4.78 -17.32 -18.73
C LYS A 574 -3.36 -17.31 -18.18
N LEU A 575 -3.08 -18.20 -17.24
CA LEU A 575 -1.74 -18.30 -16.69
C LEU A 575 -0.94 -19.34 -17.45
N TYR A 576 -1.62 -20.12 -18.30
CA TYR A 576 -0.98 -21.19 -19.05
C TYR A 576 -1.85 -21.58 -20.24
#